data_3C9S
#
_entry.id   3C9S
#
_cell.length_a   61.204
_cell.length_b   67.137
_cell.length_c   203.472
_cell.angle_alpha   90.000
_cell.angle_beta   90.000
_cell.angle_gamma   90.000
#
_symmetry.space_group_name_H-M   'P 21 21 21'
#
loop_
_entity.id
_entity.type
_entity.pdbx_description
1 polymer 'Thiamine monophosphate kinase'
2 non-polymer 'MAGNESIUM ION'
3 non-polymer 'PHOSPHOMETHYLPHOSPHONIC ACID ADENYLATE ESTER'
4 water water
#
_entity_poly.entity_id   1
_entity_poly.type   'polypeptide(L)'
_entity_poly.pdbx_seq_one_letter_code
;MGSHHHHHHDITSLYKKAGSAAAVLEENLYFQGSFTMRLKELGEFGLIDLIKKTLESKVIGDDTAPVEYCSKKLLLTTDV
LNEGVHFLRSYIPEAVGWKAISVNVSDVIANGGLPKWALISLNLPEDLEVSYVERFYIGVKRACEFYKCEVVGGNISKSE
KIGISVFLVGETERFVGRDGARLGDSVFVSGTLGDSRAGLELLLMEKEEYEPFELALIQRHLRPTARIDYVKHIQKYANA
SMDISDGLVADANHLAQRSGVKIEILSEKLPLSNELKMYCEKYGKNPIEYALFGGEDYQLLFTHPKERWNPFLDMTEIGR
VEEGEGVFVDGKKVEPKGWKHF
;
_entity_poly.pdbx_strand_id   A,B
#
# COMPACT_ATOMS: atom_id res chain seq x y z
N GLY A 33 35.84 3.50 -8.44
CA GLY A 33 34.87 2.58 -9.11
C GLY A 33 34.91 1.18 -8.52
N SER A 34 33.75 0.57 -8.32
CA SER A 34 33.70 -0.78 -7.76
C SER A 34 32.92 -1.76 -8.62
N PHE A 35 31.89 -1.28 -9.29
CA PHE A 35 31.07 -2.15 -10.13
C PHE A 35 30.28 -3.13 -9.29
N THR A 36 28.97 -2.90 -9.24
CA THR A 36 28.07 -3.76 -8.50
C THR A 36 26.77 -3.74 -9.29
N MET A 37 26.21 -4.92 -9.55
CA MET A 37 24.97 -5.03 -10.29
C MET A 37 23.87 -4.14 -9.72
N ARG A 38 23.31 -3.28 -10.56
CA ARG A 38 22.25 -2.37 -10.11
C ARG A 38 20.90 -2.81 -10.67
N LEU A 39 19.83 -2.35 -10.03
CA LEU A 39 18.48 -2.67 -10.46
C LEU A 39 18.29 -2.49 -11.96
N LYS A 40 18.82 -1.38 -12.48
CA LYS A 40 18.70 -1.08 -13.91
C LYS A 40 19.15 -2.25 -14.77
N GLU A 41 20.26 -2.87 -14.41
CA GLU A 41 20.77 -4.00 -15.18
C GLU A 41 19.85 -5.21 -15.05
N LEU A 42 19.33 -5.44 -13.86
CA LEU A 42 18.45 -6.57 -13.62
C LEU A 42 17.14 -6.46 -14.41
N GLY A 43 16.58 -5.25 -14.45
CA GLY A 43 15.32 -5.08 -15.16
C GLY A 43 14.14 -5.32 -14.23
N GLU A 44 13.02 -4.68 -14.55
CA GLU A 44 11.82 -4.80 -13.74
C GLU A 44 11.40 -6.22 -13.39
N PHE A 45 11.13 -7.02 -14.40
CA PHE A 45 10.68 -8.39 -14.19
C PHE A 45 11.77 -9.30 -13.61
N GLY A 46 13.02 -8.94 -13.84
CA GLY A 46 14.11 -9.72 -13.29
C GLY A 46 14.11 -9.53 -11.79
N LEU A 47 13.84 -8.31 -11.36
CA LEU A 47 13.81 -7.98 -9.93
C LEU A 47 12.64 -8.70 -9.26
N ILE A 48 11.47 -8.64 -9.88
CA ILE A 48 10.29 -9.31 -9.32
C ILE A 48 10.59 -10.79 -9.14
N ASP A 49 11.25 -11.40 -10.11
CA ASP A 49 11.59 -12.82 -10.02
C ASP A 49 12.49 -13.06 -8.80
N LEU A 50 13.46 -12.18 -8.61
CA LEU A 50 14.37 -12.26 -7.47
C LEU A 50 13.59 -12.15 -6.18
N ILE A 51 12.63 -11.21 -6.14
CA ILE A 51 11.82 -11.01 -4.95
C ILE A 51 10.98 -12.27 -4.67
N LYS A 52 10.36 -12.80 -5.72
CA LYS A 52 9.55 -14.00 -5.62
C LYS A 52 10.35 -15.19 -5.08
N LYS A 53 11.56 -15.37 -5.58
CA LYS A 53 12.41 -16.46 -5.11
C LYS A 53 12.88 -16.23 -3.68
N THR A 54 13.35 -15.02 -3.38
CA THR A 54 13.81 -14.71 -2.04
C THR A 54 12.71 -15.00 -1.02
N LEU A 55 11.47 -14.75 -1.42
CA LEU A 55 10.30 -14.96 -0.57
C LEU A 55 9.81 -16.41 -0.65
N GLU A 56 10.33 -17.17 -1.61
CA GLU A 56 9.90 -18.55 -1.80
C GLU A 56 8.39 -18.49 -1.98
N SER A 57 7.93 -17.45 -2.67
CA SER A 57 6.51 -17.24 -2.91
C SER A 57 5.93 -18.02 -4.08
N LYS A 58 4.72 -18.52 -3.90
CA LYS A 58 4.05 -19.28 -4.96
C LYS A 58 2.93 -18.45 -5.60
N VAL A 59 2.40 -17.48 -4.85
CA VAL A 59 1.31 -16.63 -5.35
C VAL A 59 1.73 -15.45 -6.25
N ILE A 60 2.88 -14.86 -5.98
CA ILE A 60 3.37 -13.74 -6.76
C ILE A 60 3.43 -14.01 -8.25
N GLY A 61 2.98 -13.06 -9.06
CA GLY A 61 3.02 -13.25 -10.50
C GLY A 61 1.83 -12.69 -11.27
N ASP A 62 0.67 -12.65 -10.65
CA ASP A 62 -0.52 -12.15 -11.34
C ASP A 62 -0.86 -10.71 -10.94
N ASP A 63 -1.85 -10.14 -11.64
CA ASP A 63 -2.28 -8.76 -11.38
C ASP A 63 -2.65 -8.60 -9.90
N THR A 64 -3.13 -9.68 -9.30
CA THR A 64 -3.55 -9.68 -7.91
C THR A 64 -2.98 -10.92 -7.18
N ALA A 65 -3.14 -10.95 -5.87
CA ALA A 65 -2.68 -12.09 -5.06
C ALA A 65 -3.90 -12.71 -4.39
N PRO A 66 -4.29 -13.92 -4.82
CA PRO A 66 -5.44 -14.61 -4.26
C PRO A 66 -5.11 -15.33 -2.96
N VAL A 67 -5.93 -15.10 -1.94
CA VAL A 67 -5.71 -15.75 -0.66
C VAL A 67 -7.01 -16.44 -0.25
N GLU A 68 -6.87 -17.65 0.28
CA GLU A 68 -8.02 -18.44 0.70
C GLU A 68 -8.56 -17.90 2.00
N TYR A 69 -9.85 -17.61 2.02
CA TYR A 69 -10.48 -17.10 3.22
C TYR A 69 -11.99 -17.29 3.14
N CYS A 70 -12.52 -18.06 4.08
CA CYS A 70 -13.94 -18.32 4.16
C CYS A 70 -14.59 -18.85 2.88
N SER A 71 -14.10 -20.00 2.42
CA SER A 71 -14.64 -20.65 1.23
C SER A 71 -14.53 -19.80 -0.02
N LYS A 72 -14.03 -18.59 0.12
CA LYS A 72 -13.87 -17.68 -1.01
C LYS A 72 -12.40 -17.30 -1.12
N LYS A 73 -12.08 -16.45 -2.08
CA LYS A 73 -10.72 -15.97 -2.25
C LYS A 73 -10.70 -14.46 -2.21
N LEU A 74 -9.81 -13.91 -1.39
CA LEU A 74 -9.66 -12.47 -1.30
C LEU A 74 -8.52 -12.13 -2.26
N LEU A 75 -8.63 -10.98 -2.91
CA LEU A 75 -7.62 -10.56 -3.86
C LEU A 75 -6.89 -9.32 -3.36
N LEU A 76 -5.58 -9.43 -3.16
CA LEU A 76 -4.79 -8.30 -2.68
C LEU A 76 -3.95 -7.76 -3.82
N THR A 77 -3.92 -6.45 -3.98
CA THR A 77 -3.17 -5.83 -5.06
C THR A 77 -2.87 -4.35 -4.76
N THR A 78 -1.86 -3.81 -5.43
CA THR A 78 -1.47 -2.42 -5.23
C THR A 78 -0.86 -1.83 -6.49
N ASP A 79 -1.17 -0.56 -6.73
CA ASP A 79 -0.66 0.20 -7.87
C ASP A 79 -0.18 1.54 -7.35
N VAL A 80 0.62 2.24 -8.14
CA VAL A 80 1.15 3.53 -7.74
C VAL A 80 1.01 4.59 -8.83
N LEU A 81 0.89 5.85 -8.41
CA LEU A 81 0.82 6.99 -9.33
C LEU A 81 1.75 8.04 -8.74
N ASN A 82 2.85 8.32 -9.43
CA ASN A 82 3.82 9.29 -8.95
C ASN A 82 3.88 10.54 -9.80
N GLU A 83 3.90 11.69 -9.13
CA GLU A 83 3.95 12.97 -9.81
C GLU A 83 5.14 12.98 -10.75
N GLY A 84 4.94 13.53 -11.95
CA GLY A 84 6.01 13.58 -12.91
C GLY A 84 6.12 12.32 -13.74
N VAL A 85 5.45 11.25 -13.31
CA VAL A 85 5.48 9.99 -14.03
C VAL A 85 4.10 9.61 -14.58
N HIS A 86 3.09 9.62 -13.72
CA HIS A 86 1.74 9.27 -14.17
C HIS A 86 0.79 10.45 -14.18
N PHE A 87 1.27 11.61 -13.76
CA PHE A 87 0.42 12.79 -13.72
C PHE A 87 1.23 14.02 -13.34
N LEU A 88 0.67 15.19 -13.57
CA LEU A 88 1.33 16.45 -13.22
C LEU A 88 0.48 17.11 -12.15
N ARG A 89 1.10 17.92 -11.31
CA ARG A 89 0.35 18.60 -10.25
C ARG A 89 -0.73 19.50 -10.85
N SER A 90 -0.57 19.87 -12.11
CA SER A 90 -1.53 20.74 -12.79
C SER A 90 -2.79 19.97 -13.24
N TYR A 91 -2.71 18.65 -13.22
CA TYR A 91 -3.86 17.81 -13.60
C TYR A 91 -5.00 18.05 -12.63
N ILE A 92 -6.24 17.97 -13.12
CA ILE A 92 -7.40 18.15 -12.26
C ILE A 92 -7.34 17.07 -11.18
N PRO A 93 -7.26 17.47 -9.90
CA PRO A 93 -7.18 16.53 -8.78
C PRO A 93 -8.26 15.46 -8.67
N GLU A 94 -9.52 15.82 -8.89
CA GLU A 94 -10.60 14.83 -8.79
C GLU A 94 -10.41 13.70 -9.81
N ALA A 95 -9.83 14.01 -10.96
CA ALA A 95 -9.60 13.00 -11.98
C ALA A 95 -8.47 12.08 -11.52
N VAL A 96 -7.46 12.65 -10.89
CA VAL A 96 -6.33 11.88 -10.38
C VAL A 96 -6.82 10.90 -9.30
N GLY A 97 -7.76 11.35 -8.49
CA GLY A 97 -8.33 10.49 -7.45
C GLY A 97 -9.15 9.38 -8.09
N TRP A 98 -9.95 9.74 -9.08
CA TRP A 98 -10.77 8.75 -9.77
C TRP A 98 -9.85 7.68 -10.34
N LYS A 99 -8.82 8.12 -11.06
CA LYS A 99 -7.85 7.22 -11.69
C LYS A 99 -7.08 6.33 -10.72
N ALA A 100 -6.67 6.89 -9.58
CA ALA A 100 -5.91 6.11 -8.61
C ALA A 100 -6.72 4.89 -8.18
N ILE A 101 -8.02 5.09 -7.96
CA ILE A 101 -8.87 3.98 -7.57
C ILE A 101 -9.12 3.05 -8.75
N SER A 102 -9.51 3.63 -9.88
CA SER A 102 -9.80 2.86 -11.10
C SER A 102 -8.69 1.91 -11.51
N VAL A 103 -7.49 2.47 -11.58
CA VAL A 103 -6.30 1.73 -11.97
C VAL A 103 -6.11 0.42 -11.20
N ASN A 104 -6.37 0.45 -9.89
CA ASN A 104 -6.20 -0.74 -9.07
C ASN A 104 -7.42 -1.64 -9.13
N VAL A 105 -8.61 -1.04 -9.25
CA VAL A 105 -9.84 -1.81 -9.34
C VAL A 105 -9.77 -2.64 -10.62
N SER A 106 -9.06 -2.11 -11.61
CA SER A 106 -8.89 -2.79 -12.88
C SER A 106 -8.20 -4.16 -12.71
N ASP A 107 -7.16 -4.23 -11.88
CA ASP A 107 -6.46 -5.50 -11.65
C ASP A 107 -7.40 -6.51 -11.01
N VAL A 108 -8.17 -6.05 -10.03
CA VAL A 108 -9.10 -6.93 -9.32
C VAL A 108 -10.14 -7.53 -10.25
N ILE A 109 -10.70 -6.70 -11.13
CA ILE A 109 -11.72 -7.15 -12.07
C ILE A 109 -11.12 -8.12 -13.08
N ALA A 110 -9.90 -7.82 -13.53
CA ALA A 110 -9.22 -8.63 -14.50
C ALA A 110 -8.97 -10.05 -13.98
N ASN A 111 -8.91 -10.21 -12.67
CA ASN A 111 -8.71 -11.54 -12.08
C ASN A 111 -10.00 -12.16 -11.57
N GLY A 112 -11.13 -11.64 -12.06
CA GLY A 112 -12.43 -12.16 -11.68
C GLY A 112 -13.04 -11.73 -10.35
N GLY A 113 -12.60 -10.60 -9.80
CA GLY A 113 -13.12 -10.17 -8.52
C GLY A 113 -13.80 -8.79 -8.46
N LEU A 114 -14.46 -8.54 -7.34
CA LEU A 114 -15.17 -7.29 -7.07
C LEU A 114 -14.43 -6.55 -5.97
N PRO A 115 -14.18 -5.24 -6.16
CA PRO A 115 -13.48 -4.43 -5.16
C PRO A 115 -14.28 -4.32 -3.87
N LYS A 116 -13.59 -4.28 -2.74
CA LYS A 116 -14.27 -4.19 -1.45
C LYS A 116 -13.72 -3.07 -0.58
N TRP A 117 -12.45 -3.14 -0.22
CA TRP A 117 -11.84 -2.13 0.64
C TRP A 117 -10.50 -1.67 0.09
N ALA A 118 -10.17 -0.41 0.35
CA ALA A 118 -8.92 0.14 -0.13
C ALA A 118 -8.30 1.09 0.87
N LEU A 119 -6.98 1.23 0.78
CA LEU A 119 -6.24 2.15 1.63
C LEU A 119 -5.41 2.96 0.65
N ILE A 120 -5.10 4.20 1.02
CA ILE A 120 -4.31 5.06 0.16
C ILE A 120 -3.15 5.67 0.94
N SER A 121 -1.93 5.34 0.55
CA SER A 121 -0.77 5.91 1.22
C SER A 121 -0.29 7.09 0.38
N LEU A 122 -0.26 8.27 0.99
CA LEU A 122 0.15 9.49 0.29
C LEU A 122 1.46 10.12 0.75
N ASN A 123 2.34 10.40 -0.20
CA ASN A 123 3.59 11.10 0.07
C ASN A 123 3.25 12.50 -0.42
N LEU A 124 3.17 13.45 0.50
CA LEU A 124 2.79 14.82 0.16
C LEU A 124 3.77 15.92 0.54
N PRO A 125 3.91 16.93 -0.34
CA PRO A 125 4.82 18.05 -0.06
C PRO A 125 4.04 19.02 0.85
N GLU A 126 4.72 19.61 1.84
CA GLU A 126 4.05 20.51 2.76
C GLU A 126 3.52 21.80 2.13
N ASP A 127 3.93 22.08 0.91
CA ASP A 127 3.49 23.28 0.19
C ASP A 127 2.21 23.06 -0.61
N LEU A 128 1.78 21.81 -0.75
CA LEU A 128 0.58 21.51 -1.53
C LEU A 128 -0.68 22.14 -0.95
N GLU A 129 -1.58 22.58 -1.82
CA GLU A 129 -2.83 23.19 -1.39
C GLU A 129 -3.73 22.16 -0.75
N VAL A 130 -4.32 22.53 0.39
CA VAL A 130 -5.22 21.64 1.09
C VAL A 130 -6.34 21.23 0.16
N SER A 131 -6.83 22.17 -0.63
CA SER A 131 -7.92 21.92 -1.56
C SER A 131 -7.56 20.84 -2.58
N TYR A 132 -6.27 20.67 -2.85
CA TYR A 132 -5.84 19.65 -3.80
C TYR A 132 -6.19 18.29 -3.23
N VAL A 133 -5.72 18.03 -2.01
CA VAL A 133 -5.98 16.75 -1.35
C VAL A 133 -7.48 16.51 -1.21
N GLU A 134 -8.20 17.53 -0.75
CA GLU A 134 -9.65 17.43 -0.60
C GLU A 134 -10.33 17.02 -1.90
N ARG A 135 -9.93 17.65 -3.00
CA ARG A 135 -10.51 17.35 -4.30
C ARG A 135 -10.07 15.98 -4.81
N PHE A 136 -8.85 15.58 -4.46
CA PHE A 136 -8.35 14.26 -4.84
C PHE A 136 -9.32 13.24 -4.25
N TYR A 137 -9.62 13.39 -2.96
CA TYR A 137 -10.52 12.46 -2.28
C TYR A 137 -11.97 12.54 -2.73
N ILE A 138 -12.35 13.66 -3.34
CA ILE A 138 -13.70 13.79 -3.85
C ILE A 138 -13.75 12.84 -5.05
N GLY A 139 -12.67 12.83 -5.82
CA GLY A 139 -12.59 11.94 -6.97
C GLY A 139 -12.52 10.49 -6.51
N VAL A 140 -11.82 10.25 -5.40
CA VAL A 140 -11.70 8.92 -4.82
C VAL A 140 -13.07 8.48 -4.34
N LYS A 141 -13.78 9.41 -3.71
CA LYS A 141 -15.11 9.13 -3.20
C LYS A 141 -16.07 8.73 -4.32
N ARG A 142 -16.05 9.48 -5.42
CA ARG A 142 -16.92 9.20 -6.54
C ARG A 142 -16.61 7.86 -7.20
N ALA A 143 -15.33 7.52 -7.29
CA ALA A 143 -14.94 6.26 -7.90
C ALA A 143 -15.41 5.11 -7.01
N CYS A 144 -15.23 5.26 -5.71
CA CYS A 144 -15.63 4.22 -4.78
C CYS A 144 -17.12 3.95 -4.85
N GLU A 145 -17.91 5.00 -4.99
CA GLU A 145 -19.35 4.84 -5.08
C GLU A 145 -19.69 4.11 -6.38
N PHE A 146 -19.01 4.50 -7.44
CA PHE A 146 -19.24 3.88 -8.74
C PHE A 146 -18.85 2.41 -8.76
N TYR A 147 -17.70 2.09 -8.18
CA TYR A 147 -17.22 0.71 -8.15
C TYR A 147 -17.77 -0.09 -6.98
N LYS A 148 -18.44 0.60 -6.05
CA LYS A 148 -19.02 -0.03 -4.88
C LYS A 148 -17.99 -0.62 -3.91
N CYS A 149 -16.93 0.13 -3.65
CA CYS A 149 -15.90 -0.28 -2.72
C CYS A 149 -15.74 0.89 -1.75
N GLU A 150 -14.81 0.80 -0.82
CA GLU A 150 -14.64 1.87 0.15
C GLU A 150 -13.21 2.06 0.62
N VAL A 151 -12.81 3.33 0.76
CA VAL A 151 -11.49 3.63 1.28
C VAL A 151 -11.70 3.66 2.79
N VAL A 152 -11.05 2.75 3.50
CA VAL A 152 -11.20 2.65 4.95
C VAL A 152 -10.02 3.20 5.74
N GLY A 153 -8.99 3.66 5.04
CA GLY A 153 -7.83 4.19 5.72
C GLY A 153 -6.70 4.53 4.76
N GLY A 154 -5.51 4.71 5.31
CA GLY A 154 -4.36 5.04 4.50
C GLY A 154 -3.24 5.62 5.34
N ASN A 155 -2.34 6.36 4.68
CA ASN A 155 -1.20 6.96 5.38
C ASN A 155 -0.82 8.30 4.77
N ILE A 156 -0.11 9.11 5.54
CA ILE A 156 0.38 10.39 5.06
C ILE A 156 1.84 10.54 5.49
N SER A 157 2.69 10.89 4.53
CA SER A 157 4.12 11.10 4.75
C SER A 157 4.55 12.34 3.98
N LYS A 158 5.60 12.99 4.46
CA LYS A 158 6.10 14.19 3.80
C LYS A 158 7.12 13.81 2.74
N SER A 159 7.13 14.54 1.62
CA SER A 159 8.06 14.25 0.55
C SER A 159 8.19 15.45 -0.37
N GLU A 160 9.08 15.31 -1.36
CA GLU A 160 9.35 16.35 -2.34
C GLU A 160 8.20 16.46 -3.34
N LYS A 161 7.81 15.31 -3.89
CA LYS A 161 6.74 15.25 -4.87
C LYS A 161 5.59 14.37 -4.39
N ILE A 162 4.43 14.52 -5.02
CA ILE A 162 3.26 13.74 -4.65
C ILE A 162 3.44 12.29 -5.10
N GLY A 163 3.20 11.37 -4.18
CA GLY A 163 3.30 9.95 -4.47
C GLY A 163 1.98 9.35 -4.00
N ILE A 164 1.37 8.50 -4.81
CA ILE A 164 0.10 7.87 -4.45
C ILE A 164 0.20 6.35 -4.56
N SER A 165 0.11 5.67 -3.42
CA SER A 165 0.18 4.22 -3.40
C SER A 165 -1.16 3.70 -2.92
N VAL A 166 -1.82 2.92 -3.77
CA VAL A 166 -3.13 2.37 -3.47
C VAL A 166 -3.11 0.88 -3.24
N PHE A 167 -3.74 0.45 -2.16
CA PHE A 167 -3.84 -0.96 -1.78
C PHE A 167 -5.31 -1.33 -1.83
N LEU A 168 -5.64 -2.33 -2.64
CA LEU A 168 -7.03 -2.73 -2.76
C LEU A 168 -7.27 -4.19 -2.39
N VAL A 169 -8.40 -4.44 -1.74
CA VAL A 169 -8.79 -5.78 -1.36
C VAL A 169 -10.13 -6.08 -2.03
N GLY A 170 -10.17 -7.17 -2.79
CA GLY A 170 -11.40 -7.57 -3.46
C GLY A 170 -11.73 -9.00 -3.11
N GLU A 171 -12.85 -9.50 -3.63
CA GLU A 171 -13.24 -10.87 -3.36
C GLU A 171 -13.81 -11.52 -4.61
N THR A 172 -13.68 -12.84 -4.67
CA THR A 172 -14.18 -13.60 -5.80
C THR A 172 -14.43 -15.06 -5.40
N GLU A 173 -15.26 -15.73 -6.19
CA GLU A 173 -15.58 -17.13 -5.96
C GLU A 173 -14.64 -17.94 -6.84
N ARG A 174 -14.07 -17.29 -7.84
CA ARG A 174 -13.14 -17.96 -8.75
C ARG A 174 -12.08 -17.00 -9.30
N PHE A 175 -10.85 -17.17 -8.81
CA PHE A 175 -9.72 -16.36 -9.24
C PHE A 175 -9.24 -16.77 -10.63
N VAL A 176 -9.00 -15.79 -11.49
CA VAL A 176 -8.50 -16.06 -12.83
C VAL A 176 -7.21 -15.27 -13.03
N GLY A 177 -6.10 -15.98 -13.18
CA GLY A 177 -4.80 -15.37 -13.37
C GLY A 177 -4.31 -15.38 -14.80
N ARG A 178 -3.01 -15.26 -14.99
CA ARG A 178 -2.46 -15.23 -16.33
C ARG A 178 -1.97 -16.57 -16.91
N ASP A 179 -2.03 -17.64 -16.11
CA ASP A 179 -1.53 -18.92 -16.60
C ASP A 179 -2.54 -20.05 -16.83
N GLY A 180 -3.77 -19.73 -17.22
CA GLY A 180 -4.76 -20.76 -17.45
C GLY A 180 -5.28 -20.85 -18.87
N ALA A 181 -4.61 -20.19 -19.81
CA ALA A 181 -5.03 -20.21 -21.20
C ALA A 181 -4.92 -21.62 -21.78
N ARG A 182 -5.94 -22.02 -22.55
CA ARG A 182 -5.97 -23.36 -23.16
C ARG A 182 -5.86 -23.21 -24.68
N LEU A 183 -5.04 -24.05 -25.32
CA LEU A 183 -4.91 -23.96 -26.77
C LEU A 183 -6.30 -24.12 -27.37
N GLY A 184 -6.56 -23.41 -28.46
CA GLY A 184 -7.87 -23.46 -29.08
C GLY A 184 -8.72 -22.31 -28.54
N ASP A 185 -8.28 -21.70 -27.45
CA ASP A 185 -9.02 -20.58 -26.86
C ASP A 185 -8.94 -19.37 -27.78
N SER A 186 -10.02 -18.61 -27.82
CA SER A 186 -10.05 -17.38 -28.60
C SER A 186 -9.50 -16.30 -27.66
N VAL A 187 -8.90 -15.27 -28.23
CA VAL A 187 -8.35 -14.17 -27.44
C VAL A 187 -9.26 -12.95 -27.56
N PHE A 188 -9.72 -12.42 -26.42
CA PHE A 188 -10.59 -11.25 -26.40
C PHE A 188 -10.02 -10.04 -25.67
N VAL A 189 -10.58 -8.89 -25.99
CA VAL A 189 -10.24 -7.62 -25.35
C VAL A 189 -11.56 -6.88 -25.24
N SER A 190 -11.64 -5.95 -24.30
CA SER A 190 -12.85 -5.16 -24.10
C SER A 190 -12.64 -3.77 -24.67
N GLY A 191 -13.75 -3.07 -24.92
CA GLY A 191 -13.70 -1.72 -25.45
C GLY A 191 -12.87 -1.52 -26.70
N THR A 192 -12.13 -0.40 -26.76
CA THR A 192 -11.27 -0.09 -27.89
C THR A 192 -9.84 0.09 -27.39
N LEU A 193 -8.88 0.14 -28.30
CA LEU A 193 -7.47 0.28 -27.95
C LEU A 193 -6.76 1.44 -28.62
N GLY A 194 -5.85 2.08 -27.87
CA GLY A 194 -5.10 3.20 -28.42
C GLY A 194 -5.54 4.59 -27.98
N ASP A 195 -6.75 4.67 -27.42
CA ASP A 195 -7.34 5.93 -26.97
C ASP A 195 -6.49 6.70 -25.96
N SER A 196 -6.08 6.00 -24.90
CA SER A 196 -5.30 6.62 -23.84
C SER A 196 -4.01 7.24 -24.35
N ARG A 197 -3.27 6.47 -25.15
CA ARG A 197 -2.01 6.96 -25.70
C ARG A 197 -2.24 8.24 -26.52
N ALA A 198 -3.30 8.26 -27.33
CA ALA A 198 -3.58 9.45 -28.13
C ALA A 198 -3.97 10.60 -27.22
N GLY A 199 -4.67 10.28 -26.13
CA GLY A 199 -5.09 11.29 -25.19
C GLY A 199 -3.90 11.96 -24.54
N LEU A 200 -2.91 11.16 -24.13
CA LEU A 200 -1.71 11.69 -23.51
C LEU A 200 -0.96 12.58 -24.49
N GLU A 201 -0.77 12.10 -25.72
CA GLU A 201 -0.07 12.89 -26.73
C GLU A 201 -0.76 14.23 -26.91
N LEU A 202 -2.09 14.23 -26.96
CA LEU A 202 -2.85 15.47 -27.10
C LEU A 202 -2.57 16.40 -25.92
N LEU A 203 -2.53 15.84 -24.71
CA LEU A 203 -2.26 16.64 -23.51
C LEU A 203 -0.86 17.28 -23.58
N LEU A 204 0.10 16.51 -24.09
CA LEU A 204 1.48 16.99 -24.18
C LEU A 204 1.59 18.19 -25.13
N MET A 205 0.72 18.24 -26.14
CA MET A 205 0.73 19.34 -27.09
C MET A 205 0.41 20.65 -26.39
N GLU A 206 -0.23 20.55 -25.23
CA GLU A 206 -0.59 21.72 -24.44
C GLU A 206 -1.30 22.77 -25.28
N LYS A 207 -2.10 22.34 -26.24
CA LYS A 207 -2.83 23.26 -27.09
C LYS A 207 -3.78 24.04 -26.20
N GLU A 208 -4.09 25.28 -26.58
CA GLU A 208 -4.98 26.10 -25.76
C GLU A 208 -6.44 25.81 -26.09
N GLU A 209 -6.65 24.99 -27.11
CA GLU A 209 -7.99 24.63 -27.53
C GLU A 209 -7.96 23.27 -28.22
N TYR A 210 -8.88 22.39 -27.83
CA TYR A 210 -8.95 21.06 -28.42
C TYR A 210 -10.33 20.81 -29.02
N GLU A 211 -10.39 19.98 -30.05
CA GLU A 211 -11.67 19.65 -30.67
C GLU A 211 -12.39 18.65 -29.76
N PRO A 212 -13.71 18.51 -29.91
CA PRO A 212 -14.48 17.57 -29.08
C PRO A 212 -13.89 16.15 -29.00
N PHE A 213 -13.54 15.57 -30.15
CA PHE A 213 -13.01 14.22 -30.16
C PHE A 213 -11.67 14.14 -29.42
N GLU A 214 -10.92 15.23 -29.43
CA GLU A 214 -9.63 15.26 -28.75
C GLU A 214 -9.85 15.29 -27.23
N LEU A 215 -10.88 16.02 -26.79
CA LEU A 215 -11.19 16.07 -25.36
C LEU A 215 -11.68 14.69 -24.91
N ALA A 216 -12.36 13.99 -25.80
CA ALA A 216 -12.84 12.65 -25.49
C ALA A 216 -11.64 11.73 -25.23
N LEU A 217 -10.63 11.83 -26.09
CA LEU A 217 -9.43 11.00 -25.95
C LEU A 217 -8.65 11.39 -24.69
N ILE A 218 -8.56 12.70 -24.43
CA ILE A 218 -7.86 13.18 -23.25
C ILE A 218 -8.58 12.67 -22.00
N GLN A 219 -9.91 12.75 -22.01
CA GLN A 219 -10.68 12.28 -20.86
C GLN A 219 -10.47 10.78 -20.63
N ARG A 220 -10.35 10.01 -21.71
CA ARG A 220 -10.13 8.57 -21.54
C ARG A 220 -8.76 8.31 -20.92
N HIS A 221 -7.77 9.12 -21.24
CA HIS A 221 -6.46 8.93 -20.64
C HIS A 221 -6.44 9.33 -19.16
N LEU A 222 -7.01 10.50 -18.89
CA LEU A 222 -7.04 11.08 -17.54
C LEU A 222 -8.01 10.41 -16.57
N ARG A 223 -9.12 9.93 -17.10
CA ARG A 223 -10.15 9.33 -16.27
C ARG A 223 -10.62 7.98 -16.80
N PRO A 224 -9.73 6.98 -16.78
CA PRO A 224 -10.15 5.66 -17.27
C PRO A 224 -11.19 5.04 -16.36
N THR A 225 -12.00 4.14 -16.91
CA THR A 225 -13.02 3.46 -16.13
C THR A 225 -12.75 1.96 -16.16
N ALA A 226 -12.53 1.35 -15.00
CA ALA A 226 -12.27 -0.08 -14.92
C ALA A 226 -13.53 -0.83 -15.38
N ARG A 227 -13.32 -1.88 -16.17
CA ARG A 227 -14.44 -2.66 -16.71
C ARG A 227 -15.14 -3.56 -15.71
N ILE A 228 -15.69 -2.95 -14.67
CA ILE A 228 -16.36 -3.71 -13.64
C ILE A 228 -17.56 -4.48 -14.20
N ASP A 229 -17.97 -4.12 -15.41
CA ASP A 229 -19.10 -4.78 -16.07
C ASP A 229 -18.74 -6.17 -16.61
N TYR A 230 -17.45 -6.51 -16.58
CA TYR A 230 -16.99 -7.83 -17.05
C TYR A 230 -16.73 -8.83 -15.93
N VAL A 231 -16.83 -8.41 -14.67
CA VAL A 231 -16.56 -9.30 -13.55
C VAL A 231 -17.15 -10.70 -13.65
N LYS A 232 -18.48 -10.78 -13.67
CA LYS A 232 -19.15 -12.07 -13.73
C LYS A 232 -18.67 -12.88 -14.93
N HIS A 233 -18.53 -12.25 -16.09
CA HIS A 233 -18.07 -12.95 -17.28
C HIS A 233 -16.70 -13.58 -17.06
N ILE A 234 -15.75 -12.77 -16.58
CA ILE A 234 -14.40 -13.26 -16.33
C ILE A 234 -14.43 -14.36 -15.27
N GLN A 235 -15.08 -14.06 -14.15
CA GLN A 235 -15.17 -15.00 -13.05
C GLN A 235 -15.75 -16.36 -13.44
N LYS A 236 -16.68 -16.35 -14.39
CA LYS A 236 -17.33 -17.58 -14.81
C LYS A 236 -16.78 -18.27 -16.08
N TYR A 237 -16.22 -17.52 -17.01
CA TYR A 237 -15.77 -18.14 -18.27
C TYR A 237 -14.32 -18.02 -18.72
N ALA A 238 -13.59 -17.02 -18.25
CA ALA A 238 -12.21 -16.86 -18.69
C ALA A 238 -11.29 -17.95 -18.16
N ASN A 239 -10.34 -18.38 -18.99
CA ASN A 239 -9.37 -19.39 -18.58
C ASN A 239 -8.15 -18.63 -18.13
N ALA A 240 -7.93 -17.48 -18.75
CA ALA A 240 -6.80 -16.61 -18.45
C ALA A 240 -7.26 -15.17 -18.64
N SER A 241 -6.92 -14.29 -17.70
CA SER A 241 -7.33 -12.90 -17.79
C SER A 241 -6.37 -11.91 -17.11
N MET A 242 -6.38 -10.68 -17.60
CA MET A 242 -5.54 -9.60 -17.07
C MET A 242 -6.02 -8.33 -17.77
N ASP A 243 -5.63 -7.16 -17.26
CA ASP A 243 -6.03 -5.91 -17.89
C ASP A 243 -4.87 -5.38 -18.73
N ILE A 244 -5.20 -4.66 -19.80
CA ILE A 244 -4.20 -4.08 -20.69
C ILE A 244 -3.80 -2.70 -20.15
N SER A 245 -2.63 -2.66 -19.53
CA SER A 245 -2.10 -1.44 -18.92
C SER A 245 -0.88 -0.87 -19.65
N ASP A 246 0.02 -1.75 -20.10
CA ASP A 246 1.20 -1.27 -20.80
C ASP A 246 1.06 -1.32 -22.31
N GLY A 247 0.01 -1.99 -22.79
CA GLY A 247 -0.20 -2.10 -24.21
C GLY A 247 -0.53 -3.55 -24.53
N LEU A 248 -1.23 -3.76 -25.63
CA LEU A 248 -1.63 -5.12 -26.03
C LEU A 248 -0.45 -6.07 -26.19
N VAL A 249 0.45 -5.77 -27.11
CA VAL A 249 1.61 -6.61 -27.35
C VAL A 249 2.38 -6.92 -26.07
N ALA A 250 2.77 -5.88 -25.34
CA ALA A 250 3.52 -6.05 -24.11
C ALA A 250 2.81 -6.91 -23.07
N ASP A 251 1.53 -6.65 -22.84
CA ASP A 251 0.78 -7.43 -21.85
C ASP A 251 0.41 -8.82 -22.36
N ALA A 252 0.29 -8.96 -23.68
CA ALA A 252 -0.06 -10.26 -24.27
C ALA A 252 1.10 -11.23 -24.10
N ASN A 253 2.33 -10.70 -24.01
CA ASN A 253 3.50 -11.54 -23.83
C ASN A 253 3.54 -12.12 -22.43
N HIS A 254 3.06 -11.36 -21.46
CA HIS A 254 3.03 -11.84 -20.09
C HIS A 254 2.03 -12.97 -20.03
N LEU A 255 0.91 -12.79 -20.72
CA LEU A 255 -0.12 -13.81 -20.73
C LEU A 255 0.44 -15.06 -21.42
N ALA A 256 0.99 -14.86 -22.61
CA ALA A 256 1.56 -15.98 -23.37
C ALA A 256 2.68 -16.68 -22.60
N GLN A 257 3.48 -15.89 -21.90
CA GLN A 257 4.60 -16.41 -21.12
C GLN A 257 4.16 -17.23 -19.91
N ARG A 258 3.26 -16.68 -19.11
CA ARG A 258 2.78 -17.40 -17.94
C ARG A 258 1.91 -18.61 -18.26
N SER A 259 1.23 -18.57 -19.40
CA SER A 259 0.38 -19.69 -19.81
C SER A 259 1.17 -20.68 -20.67
N GLY A 260 2.43 -20.36 -20.92
CA GLY A 260 3.26 -21.21 -21.73
C GLY A 260 2.61 -21.54 -23.07
N VAL A 261 2.12 -20.52 -23.76
CA VAL A 261 1.48 -20.71 -25.06
C VAL A 261 1.86 -19.63 -26.05
N LYS A 262 1.32 -19.75 -27.26
CA LYS A 262 1.57 -18.80 -28.33
C LYS A 262 0.28 -18.04 -28.60
N ILE A 263 0.39 -16.74 -28.83
CA ILE A 263 -0.78 -15.92 -29.11
C ILE A 263 -0.72 -15.31 -30.50
N GLU A 264 -1.70 -15.64 -31.32
CA GLU A 264 -1.77 -15.11 -32.69
C GLU A 264 -2.86 -14.06 -32.79
N ILE A 265 -2.45 -12.82 -33.04
CA ILE A 265 -3.37 -11.69 -33.15
C ILE A 265 -3.52 -11.21 -34.58
N LEU A 266 -4.74 -10.80 -34.92
CA LEU A 266 -5.02 -10.27 -36.26
C LEU A 266 -5.27 -8.78 -36.13
N SER A 267 -4.33 -7.98 -36.62
CA SER A 267 -4.43 -6.53 -36.54
C SER A 267 -5.79 -5.98 -36.96
N GLU A 268 -6.27 -6.39 -38.13
CA GLU A 268 -7.55 -5.88 -38.62
C GLU A 268 -8.74 -6.24 -37.73
N LYS A 269 -8.50 -6.98 -36.66
CA LYS A 269 -9.56 -7.34 -35.73
C LYS A 269 -9.56 -6.42 -34.50
N LEU A 270 -8.49 -5.64 -34.35
CA LEU A 270 -8.36 -4.71 -33.23
C LEU A 270 -9.47 -3.68 -33.18
N PRO A 271 -10.17 -3.60 -32.04
CA PRO A 271 -11.26 -2.62 -31.92
C PRO A 271 -10.71 -1.18 -31.81
N LEU A 272 -11.07 -0.37 -32.80
CA LEU A 272 -10.63 1.03 -32.86
C LEU A 272 -11.83 1.94 -32.71
N SER A 273 -11.65 3.05 -31.99
CA SER A 273 -12.73 4.01 -31.78
C SER A 273 -12.69 5.07 -32.87
N ASN A 274 -13.81 5.73 -33.11
CA ASN A 274 -13.88 6.78 -34.13
C ASN A 274 -12.97 7.94 -33.74
N GLU A 275 -12.92 8.26 -32.46
CA GLU A 275 -12.07 9.36 -32.01
C GLU A 275 -10.60 9.08 -32.32
N LEU A 276 -10.15 7.84 -32.10
CA LEU A 276 -8.76 7.50 -32.40
C LEU A 276 -8.48 7.67 -33.90
N LYS A 277 -9.36 7.11 -34.72
CA LYS A 277 -9.22 7.22 -36.17
C LYS A 277 -9.15 8.69 -36.57
N MET A 278 -10.04 9.50 -36.00
CA MET A 278 -10.07 10.92 -36.29
C MET A 278 -8.73 11.54 -35.89
N TYR A 279 -8.20 11.10 -34.75
CA TYR A 279 -6.92 11.62 -34.28
C TYR A 279 -5.80 11.22 -35.23
N CYS A 280 -5.73 9.95 -35.57
CA CYS A 280 -4.69 9.46 -36.47
C CYS A 280 -4.82 10.06 -37.88
N GLU A 281 -6.03 10.47 -38.22
CA GLU A 281 -6.30 11.08 -39.52
C GLU A 281 -5.71 12.48 -39.56
N LYS A 282 -6.03 13.26 -38.52
CA LYS A 282 -5.58 14.63 -38.39
C LYS A 282 -4.07 14.79 -38.21
N TYR A 283 -3.43 13.84 -37.55
CA TYR A 283 -1.98 13.94 -37.33
C TYR A 283 -1.14 12.93 -38.09
N GLY A 284 -1.70 12.36 -39.16
CA GLY A 284 -0.96 11.40 -39.95
C GLY A 284 -0.36 10.28 -39.13
N LYS A 285 -1.22 9.52 -38.46
CA LYS A 285 -0.78 8.41 -37.63
C LYS A 285 -1.49 7.14 -38.08
N ASN A 286 -0.96 6.00 -37.64
CA ASN A 286 -1.55 4.72 -37.96
C ASN A 286 -2.24 4.17 -36.71
N PRO A 287 -3.56 4.02 -36.76
CA PRO A 287 -4.38 3.52 -35.66
C PRO A 287 -3.91 2.19 -35.08
N ILE A 288 -3.57 1.25 -35.95
CA ILE A 288 -3.13 -0.08 -35.53
C ILE A 288 -1.95 -0.01 -34.56
N GLU A 289 -1.01 0.88 -34.84
CA GLU A 289 0.16 1.02 -33.98
C GLU A 289 -0.27 1.45 -32.56
N TYR A 290 -1.27 2.33 -32.49
CA TYR A 290 -1.78 2.80 -31.22
C TYR A 290 -2.49 1.68 -30.47
N ALA A 291 -3.20 0.84 -31.24
CA ALA A 291 -3.94 -0.27 -30.68
C ALA A 291 -3.02 -1.35 -30.13
N LEU A 292 -1.90 -1.57 -30.81
CA LEU A 292 -0.93 -2.59 -30.40
C LEU A 292 0.04 -2.14 -29.32
N PHE A 293 0.44 -0.87 -29.37
CA PHE A 293 1.41 -0.38 -28.40
C PHE A 293 0.95 0.68 -27.42
N GLY A 294 -0.23 1.24 -27.65
CA GLY A 294 -0.75 2.26 -26.75
C GLY A 294 -1.02 1.71 -25.36
N GLY A 295 -0.53 2.38 -24.34
CA GLY A 295 -0.74 1.92 -22.99
C GLY A 295 -1.81 2.69 -22.24
N GLU A 296 -2.06 2.26 -21.01
CA GLU A 296 -3.03 2.89 -20.12
C GLU A 296 -4.49 2.97 -20.56
N ASP A 297 -4.95 2.01 -21.35
CA ASP A 297 -6.35 2.02 -21.76
C ASP A 297 -7.16 1.36 -20.65
N TYR A 298 -6.52 0.42 -19.97
CA TYR A 298 -7.16 -0.33 -18.89
C TYR A 298 -8.39 -1.08 -19.35
N GLN A 299 -8.27 -1.72 -20.51
CA GLN A 299 -9.32 -2.57 -21.04
C GLN A 299 -8.88 -3.96 -20.58
N LEU A 300 -9.63 -5.00 -20.93
CA LEU A 300 -9.27 -6.35 -20.50
C LEU A 300 -8.74 -7.23 -21.61
N LEU A 301 -7.93 -8.21 -21.22
CA LEU A 301 -7.38 -9.19 -22.16
C LEU A 301 -7.61 -10.54 -21.52
N PHE A 302 -8.49 -11.33 -22.11
CA PHE A 302 -8.82 -12.64 -21.55
C PHE A 302 -9.00 -13.70 -22.63
N THR A 303 -8.98 -14.96 -22.21
CA THR A 303 -9.12 -16.05 -23.15
C THR A 303 -10.09 -17.12 -22.69
N HIS A 304 -10.72 -17.79 -23.66
CA HIS A 304 -11.67 -18.88 -23.41
C HIS A 304 -12.26 -19.32 -24.75
N PRO A 305 -12.97 -20.47 -24.75
CA PRO A 305 -13.55 -20.94 -26.01
C PRO A 305 -14.48 -19.89 -26.59
N LYS A 306 -14.41 -19.71 -27.91
CA LYS A 306 -15.24 -18.72 -28.61
C LYS A 306 -16.73 -18.85 -28.29
N GLU A 307 -17.16 -20.06 -27.95
CA GLU A 307 -18.57 -20.31 -27.63
C GLU A 307 -19.05 -19.60 -26.36
N ARG A 308 -18.12 -19.23 -25.49
CA ARG A 308 -18.46 -18.57 -24.23
C ARG A 308 -18.69 -17.07 -24.42
N TRP A 309 -18.39 -16.59 -25.62
CA TRP A 309 -18.55 -15.19 -25.98
C TRP A 309 -19.90 -14.61 -25.56
N ASN A 310 -19.89 -13.40 -25.03
CA ASN A 310 -21.14 -12.75 -24.62
C ASN A 310 -21.37 -11.49 -25.45
N PRO A 311 -22.24 -11.57 -26.47
CA PRO A 311 -22.55 -10.44 -27.34
C PRO A 311 -23.15 -9.23 -26.62
N PHE A 312 -23.55 -9.40 -25.37
CA PHE A 312 -24.10 -8.26 -24.64
C PHE A 312 -22.98 -7.34 -24.14
N LEU A 313 -21.77 -7.89 -24.03
CA LEU A 313 -20.60 -7.11 -23.61
C LEU A 313 -19.84 -6.73 -24.88
N ASP A 314 -19.17 -5.58 -24.87
CA ASP A 314 -18.43 -5.13 -26.05
C ASP A 314 -17.11 -5.82 -26.31
N MET A 315 -17.05 -7.14 -26.10
CA MET A 315 -15.80 -7.86 -26.34
C MET A 315 -15.55 -8.14 -27.81
N THR A 316 -14.28 -8.16 -28.18
CA THR A 316 -13.89 -8.39 -29.56
C THR A 316 -12.82 -9.47 -29.70
N GLU A 317 -13.10 -10.47 -30.54
CA GLU A 317 -12.15 -11.55 -30.77
C GLU A 317 -11.03 -11.00 -31.64
N ILE A 318 -9.79 -11.11 -31.18
CA ILE A 318 -8.65 -10.58 -31.92
C ILE A 318 -7.57 -11.62 -32.25
N GLY A 319 -7.77 -12.84 -31.81
CA GLY A 319 -6.79 -13.88 -32.09
C GLY A 319 -7.07 -15.14 -31.29
N ARG A 320 -6.12 -16.06 -31.25
CA ARG A 320 -6.33 -17.30 -30.52
C ARG A 320 -5.07 -17.89 -29.89
N VAL A 321 -5.26 -18.80 -28.96
CA VAL A 321 -4.16 -19.45 -28.27
C VAL A 321 -3.72 -20.68 -29.07
N GLU A 322 -2.47 -20.65 -29.54
CA GLU A 322 -1.92 -21.75 -30.32
C GLU A 322 -0.73 -22.33 -29.58
N GLU A 323 -0.55 -23.65 -29.68
CA GLU A 323 0.57 -24.30 -29.01
C GLU A 323 1.87 -23.66 -29.49
N GLY A 324 2.73 -23.30 -28.54
CA GLY A 324 3.99 -22.68 -28.91
C GLY A 324 4.50 -21.67 -27.90
N GLU A 325 5.20 -20.65 -28.39
CA GLU A 325 5.77 -19.61 -27.55
C GLU A 325 5.77 -18.26 -28.25
N GLY A 326 5.61 -17.18 -27.47
CA GLY A 326 5.62 -15.84 -28.03
C GLY A 326 4.30 -15.26 -28.47
N VAL A 327 4.36 -14.01 -28.95
CA VAL A 327 3.18 -13.30 -29.43
C VAL A 327 3.39 -12.94 -30.90
N PHE A 328 2.42 -13.32 -31.72
CA PHE A 328 2.49 -13.05 -33.15
C PHE A 328 1.33 -12.17 -33.63
N VAL A 329 1.62 -11.30 -34.58
CA VAL A 329 0.62 -10.41 -35.15
C VAL A 329 0.67 -10.52 -36.66
N ASP A 330 -0.41 -11.04 -37.25
CA ASP A 330 -0.49 -11.22 -38.69
C ASP A 330 0.65 -12.08 -39.19
N GLY A 331 1.12 -12.99 -38.33
CA GLY A 331 2.21 -13.88 -38.72
C GLY A 331 3.52 -13.58 -38.02
N LYS A 332 3.98 -12.34 -38.13
CA LYS A 332 5.25 -11.93 -37.51
C LYS A 332 5.14 -11.96 -35.98
N LYS A 333 6.26 -12.22 -35.31
CA LYS A 333 6.26 -12.24 -33.86
C LYS A 333 6.73 -10.89 -33.34
N VAL A 334 6.09 -10.40 -32.29
CA VAL A 334 6.46 -9.11 -31.72
C VAL A 334 6.71 -9.23 -30.23
N GLU A 335 7.86 -8.70 -29.79
CA GLU A 335 8.22 -8.74 -28.39
C GLU A 335 7.85 -7.42 -27.72
N PRO A 336 7.82 -7.39 -26.38
CA PRO A 336 7.47 -6.17 -25.64
C PRO A 336 8.55 -5.10 -25.76
N GLN B 32 -2.58 36.92 -9.69
CA GLN B 32 -3.38 36.93 -8.42
C GLN B 32 -2.48 36.54 -7.25
N GLY B 33 -3.06 36.55 -6.05
CA GLY B 33 -2.31 36.17 -4.87
C GLY B 33 -2.90 34.87 -4.36
N SER B 34 -2.05 33.98 -3.87
CA SER B 34 -2.53 32.72 -3.34
C SER B 34 -2.55 32.80 -1.82
N PHE B 35 -3.75 32.81 -1.27
CA PHE B 35 -3.92 32.87 0.18
C PHE B 35 -4.51 31.56 0.67
N THR B 36 -4.69 30.62 -0.25
CA THR B 36 -5.26 29.31 0.07
C THR B 36 -4.37 28.52 1.01
N MET B 37 -5.00 27.86 1.98
CA MET B 37 -4.28 27.07 2.96
C MET B 37 -3.41 25.95 2.36
N ARG B 38 -2.21 25.80 2.91
CA ARG B 38 -1.26 24.79 2.47
C ARG B 38 -1.21 23.71 3.54
N LEU B 39 -0.71 22.53 3.18
CA LEU B 39 -0.63 21.41 4.12
C LEU B 39 0.14 21.72 5.39
N LYS B 40 1.27 22.40 5.27
CA LYS B 40 2.09 22.75 6.43
C LYS B 40 1.29 23.44 7.52
N GLU B 41 0.41 24.37 7.12
CA GLU B 41 -0.42 25.10 8.06
C GLU B 41 -1.42 24.17 8.74
N LEU B 42 -2.13 23.39 7.94
CA LEU B 42 -3.14 22.48 8.44
C LEU B 42 -2.64 21.41 9.40
N GLY B 43 -1.48 20.84 9.14
CA GLY B 43 -0.96 19.82 10.02
C GLY B 43 -1.44 18.42 9.65
N GLU B 44 -0.69 17.42 10.08
CA GLU B 44 -1.00 16.02 9.80
C GLU B 44 -2.41 15.57 10.20
N PHE B 45 -2.71 15.69 11.49
CA PHE B 45 -4.00 15.28 12.00
C PHE B 45 -5.18 16.10 11.48
N GLY B 46 -4.95 17.37 11.21
CA GLY B 46 -6.02 18.19 10.67
C GLY B 46 -6.34 17.71 9.26
N LEU B 47 -5.32 17.22 8.56
CA LEU B 47 -5.48 16.74 7.19
C LEU B 47 -6.31 15.46 7.23
N ILE B 48 -5.95 14.55 8.13
CA ILE B 48 -6.67 13.30 8.27
C ILE B 48 -8.14 13.55 8.60
N ASP B 49 -8.42 14.59 9.38
CA ASP B 49 -9.80 14.90 9.72
C ASP B 49 -10.56 15.34 8.47
N LEU B 50 -9.89 16.13 7.63
CA LEU B 50 -10.52 16.60 6.39
C LEU B 50 -10.78 15.41 5.48
N ILE B 51 -9.79 14.52 5.36
CA ILE B 51 -9.92 13.33 4.53
C ILE B 51 -11.10 12.49 5.01
N LYS B 52 -11.17 12.29 6.32
CA LYS B 52 -12.25 11.50 6.91
C LYS B 52 -13.60 12.12 6.57
N LYS B 53 -13.70 13.43 6.77
CA LYS B 53 -14.93 14.18 6.50
C LYS B 53 -15.35 14.06 5.04
N THR B 54 -14.39 14.23 4.16
CA THR B 54 -14.62 14.15 2.72
C THR B 54 -15.15 12.78 2.28
N LEU B 55 -14.63 11.72 2.91
CA LEU B 55 -15.07 10.36 2.57
C LEU B 55 -16.32 9.96 3.37
N GLU B 56 -16.72 10.81 4.32
CA GLU B 56 -17.87 10.52 5.15
C GLU B 56 -17.61 9.15 5.80
N SER B 57 -16.35 8.94 6.17
CA SER B 57 -15.91 7.69 6.77
C SER B 57 -16.11 7.63 8.29
N LYS B 58 -16.58 6.48 8.76
CA LYS B 58 -16.80 6.29 10.19
C LYS B 58 -15.66 5.49 10.81
N VAL B 59 -14.99 4.66 10.02
CA VAL B 59 -13.91 3.83 10.53
C VAL B 59 -12.56 4.50 10.74
N ILE B 60 -12.17 5.39 9.83
CA ILE B 60 -10.89 6.08 9.91
C ILE B 60 -10.64 6.72 11.28
N GLY B 61 -9.43 6.53 11.80
CA GLY B 61 -9.09 7.12 13.09
C GLY B 61 -8.22 6.27 14.00
N ASP B 62 -8.32 4.96 13.88
CA ASP B 62 -7.52 4.06 14.72
C ASP B 62 -6.29 3.55 13.98
N ASP B 63 -5.41 2.85 14.70
CA ASP B 63 -4.18 2.33 14.13
C ASP B 63 -4.45 1.46 12.90
N THR B 64 -5.58 0.77 12.94
CA THR B 64 -5.96 -0.10 11.85
C THR B 64 -7.42 0.18 11.49
N ALA B 65 -7.89 -0.38 10.39
CA ALA B 65 -9.27 -0.19 9.98
C ALA B 65 -9.97 -1.55 10.05
N PRO B 66 -10.96 -1.68 10.94
CA PRO B 66 -11.69 -2.94 11.08
C PRO B 66 -12.84 -3.03 10.08
N VAL B 67 -12.91 -4.15 9.37
CA VAL B 67 -13.98 -4.36 8.40
C VAL B 67 -14.63 -5.68 8.71
N GLU B 68 -15.96 -5.68 8.72
CA GLU B 68 -16.72 -6.88 9.02
C GLU B 68 -16.62 -7.85 7.87
N TYR B 69 -16.26 -9.09 8.17
CA TYR B 69 -16.16 -10.10 7.15
C TYR B 69 -16.14 -11.47 7.75
N CYS B 70 -16.97 -12.35 7.20
CA CYS B 70 -17.03 -13.72 7.65
C CYS B 70 -17.18 -13.87 9.17
N SER B 71 -18.16 -13.15 9.73
CA SER B 71 -18.42 -13.22 11.16
C SER B 71 -17.21 -12.82 12.01
N LYS B 72 -16.20 -12.24 11.37
CA LYS B 72 -15.01 -11.78 12.08
C LYS B 72 -14.67 -10.35 11.64
N LYS B 73 -13.54 -9.85 12.13
CA LYS B 73 -13.11 -8.51 11.76
C LYS B 73 -11.70 -8.52 11.16
N LEU B 74 -11.62 -8.12 9.89
CA LEU B 74 -10.34 -8.04 9.20
C LEU B 74 -9.78 -6.66 9.50
N LEU B 75 -8.46 -6.57 9.74
CA LEU B 75 -7.86 -5.28 10.04
C LEU B 75 -6.93 -4.84 8.91
N LEU B 76 -7.24 -3.69 8.31
CA LEU B 76 -6.41 -3.16 7.23
C LEU B 76 -5.60 -1.99 7.76
N THR B 77 -4.32 -1.93 7.39
CA THR B 77 -3.46 -0.86 7.87
C THR B 77 -2.24 -0.69 6.97
N THR B 78 -1.63 0.49 7.03
CA THR B 78 -0.46 0.77 6.21
C THR B 78 0.48 1.76 6.89
N ASP B 79 1.78 1.51 6.75
CA ASP B 79 2.83 2.36 7.30
C ASP B 79 3.83 2.61 6.17
N VAL B 80 4.70 3.60 6.34
CA VAL B 80 5.69 3.93 5.33
C VAL B 80 7.07 4.23 5.93
N LEU B 81 8.11 3.75 5.24
CA LEU B 81 9.49 4.01 5.67
C LEU B 81 10.18 4.68 4.47
N ASN B 82 10.51 5.95 4.60
CA ASN B 82 11.15 6.69 3.51
C ASN B 82 12.59 7.04 3.79
N GLU B 83 13.45 6.79 2.81
CA GLU B 83 14.88 7.06 2.96
C GLU B 83 15.16 8.51 3.37
N GLY B 84 16.04 8.68 4.34
CA GLY B 84 16.38 10.01 4.79
C GLY B 84 15.44 10.49 5.89
N VAL B 85 14.33 9.79 6.06
CA VAL B 85 13.34 10.16 7.07
C VAL B 85 13.24 9.09 8.14
N HIS B 86 13.01 7.85 7.74
CA HIS B 86 12.85 6.77 8.70
C HIS B 86 14.05 5.87 8.80
N PHE B 87 14.93 5.97 7.81
CA PHE B 87 16.14 5.15 7.82
C PHE B 87 17.13 5.74 6.82
N LEU B 88 18.35 5.24 6.86
CA LEU B 88 19.39 5.68 5.95
C LEU B 88 19.73 4.48 5.09
N ARG B 89 20.18 4.74 3.86
CA ARG B 89 20.52 3.64 2.98
C ARG B 89 21.70 2.85 3.53
N SER B 90 22.46 3.43 4.45
CA SER B 90 23.62 2.75 5.02
C SER B 90 23.25 1.69 6.06
N TYR B 91 22.03 1.74 6.58
CA TYR B 91 21.57 0.74 7.57
C TYR B 91 21.55 -0.63 6.92
N ILE B 92 21.82 -1.67 7.71
CA ILE B 92 21.79 -3.05 7.24
C ILE B 92 20.41 -3.26 6.57
N PRO B 93 20.39 -3.63 5.29
CA PRO B 93 19.13 -3.84 4.56
C PRO B 93 18.15 -4.82 5.21
N GLU B 94 18.62 -6.00 5.61
CA GLU B 94 17.73 -6.97 6.25
C GLU B 94 17.03 -6.43 7.49
N ALA B 95 17.66 -5.49 8.18
CA ALA B 95 17.05 -4.89 9.38
C ALA B 95 15.91 -3.97 8.96
N VAL B 96 16.10 -3.24 7.86
CA VAL B 96 15.08 -2.33 7.36
C VAL B 96 13.90 -3.18 6.88
N GLY B 97 14.21 -4.34 6.28
CA GLY B 97 13.16 -5.23 5.83
C GLY B 97 12.38 -5.77 7.02
N TRP B 98 13.08 -6.12 8.09
CA TRP B 98 12.42 -6.64 9.29
C TRP B 98 11.49 -5.59 9.89
N LYS B 99 12.03 -4.38 10.06
CA LYS B 99 11.28 -3.27 10.62
C LYS B 99 10.07 -2.90 9.78
N ALA B 100 10.25 -2.91 8.46
CA ALA B 100 9.16 -2.59 7.54
C ALA B 100 7.94 -3.45 7.84
N ILE B 101 8.16 -4.73 8.09
CA ILE B 101 7.04 -5.62 8.39
C ILE B 101 6.58 -5.40 9.83
N SER B 102 7.55 -5.32 10.74
CA SER B 102 7.27 -5.14 12.16
C SER B 102 6.44 -3.93 12.56
N VAL B 103 6.72 -2.76 11.98
CA VAL B 103 5.96 -1.58 12.36
C VAL B 103 4.47 -1.68 12.05
N ASN B 104 4.13 -2.36 10.96
CA ASN B 104 2.74 -2.52 10.58
C ASN B 104 2.06 -3.62 11.40
N VAL B 105 2.78 -4.71 11.66
CA VAL B 105 2.23 -5.79 12.45
C VAL B 105 1.91 -5.23 13.83
N SER B 106 2.72 -4.27 14.28
CA SER B 106 2.52 -3.63 15.58
C SER B 106 1.13 -2.95 15.67
N ASP B 107 0.71 -2.29 14.58
CA ASP B 107 -0.60 -1.64 14.55
C ASP B 107 -1.69 -2.71 14.70
N VAL B 108 -1.57 -3.78 13.91
CA VAL B 108 -2.52 -4.87 13.94
C VAL B 108 -2.61 -5.46 15.35
N ILE B 109 -1.46 -5.73 15.96
CA ILE B 109 -1.40 -6.28 17.31
C ILE B 109 -2.06 -5.32 18.31
N ALA B 110 -1.76 -4.03 18.18
CA ALA B 110 -2.28 -3.02 19.08
C ALA B 110 -3.80 -2.86 19.06
N ASN B 111 -4.43 -3.37 18.01
CA ASN B 111 -5.88 -3.28 17.90
C ASN B 111 -6.56 -4.63 18.08
N GLY B 112 -5.81 -5.60 18.61
CA GLY B 112 -6.35 -6.91 18.90
C GLY B 112 -6.33 -7.99 17.84
N GLY B 113 -5.48 -7.85 16.82
CA GLY B 113 -5.44 -8.85 15.79
C GLY B 113 -4.08 -9.48 15.51
N LEU B 114 -4.11 -10.51 14.68
CA LEU B 114 -2.91 -11.23 14.25
C LEU B 114 -2.73 -10.90 12.77
N PRO B 115 -1.47 -10.74 12.32
CA PRO B 115 -1.20 -10.41 10.92
C PRO B 115 -1.41 -11.63 10.01
N LYS B 116 -1.91 -11.40 8.79
CA LYS B 116 -2.14 -12.48 7.84
C LYS B 116 -1.36 -12.32 6.52
N TRP B 117 -1.72 -11.30 5.75
CA TRP B 117 -1.09 -11.05 4.45
C TRP B 117 -0.60 -9.61 4.31
N ALA B 118 0.49 -9.42 3.58
CA ALA B 118 1.04 -8.09 3.37
C ALA B 118 1.50 -7.89 1.94
N LEU B 119 1.50 -6.62 1.53
CA LEU B 119 1.95 -6.23 0.19
C LEU B 119 2.95 -5.11 0.46
N ILE B 120 4.00 -5.05 -0.33
CA ILE B 120 4.99 -4.00 -0.15
C ILE B 120 5.21 -3.26 -1.46
N SER B 121 4.87 -1.98 -1.48
CA SER B 121 5.07 -1.16 -2.66
C SER B 121 6.40 -0.41 -2.48
N LEU B 122 7.32 -0.64 -3.41
CA LEU B 122 8.64 -0.01 -3.33
C LEU B 122 8.92 0.99 -4.42
N ASN B 123 9.39 2.17 -4.02
CA ASN B 123 9.80 3.22 -4.93
C ASN B 123 11.32 3.06 -4.84
N LEU B 124 11.94 2.67 -5.94
CA LEU B 124 13.37 2.40 -5.96
C LEU B 124 14.18 3.12 -7.03
N PRO B 125 15.37 3.63 -6.65
CA PRO B 125 16.26 4.33 -7.60
C PRO B 125 16.78 3.24 -8.54
N GLU B 126 16.79 3.49 -9.84
CA GLU B 126 17.26 2.47 -10.78
C GLU B 126 18.72 2.08 -10.59
N ASP B 127 19.49 2.94 -9.94
CA ASP B 127 20.91 2.66 -9.70
C ASP B 127 21.20 2.06 -8.33
N LEU B 128 20.16 1.59 -7.64
CA LEU B 128 20.35 0.97 -6.33
C LEU B 128 20.91 -0.44 -6.54
N GLU B 129 21.78 -0.88 -5.64
CA GLU B 129 22.38 -2.22 -5.73
C GLU B 129 21.30 -3.29 -5.60
N VAL B 130 21.37 -4.34 -6.41
CA VAL B 130 20.37 -5.39 -6.31
C VAL B 130 20.51 -6.11 -4.97
N SER B 131 21.74 -6.20 -4.46
CA SER B 131 21.99 -6.86 -3.18
C SER B 131 21.17 -6.19 -2.08
N TYR B 132 20.96 -4.88 -2.20
CA TYR B 132 20.17 -4.17 -1.21
C TYR B 132 18.76 -4.74 -1.17
N VAL B 133 18.14 -4.86 -2.34
CA VAL B 133 16.77 -5.37 -2.46
C VAL B 133 16.67 -6.81 -1.95
N GLU B 134 17.58 -7.67 -2.38
CA GLU B 134 17.55 -9.06 -1.94
C GLU B 134 17.68 -9.18 -0.42
N ARG B 135 18.61 -8.41 0.16
CA ARG B 135 18.80 -8.48 1.60
C ARG B 135 17.61 -7.90 2.34
N PHE B 136 16.96 -6.91 1.73
CA PHE B 136 15.78 -6.27 2.32
C PHE B 136 14.73 -7.38 2.47
N TYR B 137 14.53 -8.14 1.40
CA TYR B 137 13.55 -9.21 1.41
C TYR B 137 13.91 -10.41 2.29
N ILE B 138 15.19 -10.56 2.63
CA ILE B 138 15.58 -11.65 3.51
C ILE B 138 15.10 -11.23 4.90
N GLY B 139 15.18 -9.92 5.18
CA GLY B 139 14.72 -9.40 6.46
C GLY B 139 13.20 -9.51 6.51
N VAL B 140 12.56 -9.21 5.37
CA VAL B 140 11.10 -9.31 5.24
C VAL B 140 10.68 -10.74 5.50
N LYS B 141 11.34 -11.68 4.82
CA LYS B 141 11.03 -13.11 4.95
C LYS B 141 11.10 -13.59 6.40
N ARG B 142 12.19 -13.22 7.07
CA ARG B 142 12.41 -13.61 8.46
C ARG B 142 11.33 -13.05 9.39
N ALA B 143 10.95 -11.79 9.17
CA ALA B 143 9.92 -11.17 9.99
C ALA B 143 8.58 -11.88 9.78
N CYS B 144 8.27 -12.17 8.53
CA CYS B 144 7.02 -12.87 8.21
C CYS B 144 6.97 -14.26 8.85
N GLU B 145 8.09 -14.97 8.82
CA GLU B 145 8.13 -16.29 9.43
C GLU B 145 7.95 -16.15 10.94
N PHE B 146 8.58 -15.14 11.53
CA PHE B 146 8.46 -14.93 12.97
C PHE B 146 7.05 -14.51 13.40
N TYR B 147 6.40 -13.62 12.65
CA TYR B 147 5.06 -13.15 13.01
C TYR B 147 3.93 -14.02 12.45
N LYS B 148 4.30 -15.00 11.63
CA LYS B 148 3.33 -15.92 11.02
C LYS B 148 2.36 -15.29 10.01
N CYS B 149 2.85 -14.33 9.23
CA CYS B 149 2.05 -13.69 8.21
C CYS B 149 2.82 -13.90 6.91
N GLU B 150 2.33 -13.36 5.80
CA GLU B 150 3.01 -13.56 4.53
C GLU B 150 2.90 -12.40 3.56
N VAL B 151 4.01 -12.11 2.87
CA VAL B 151 4.01 -11.06 1.85
C VAL B 151 3.57 -11.80 0.59
N VAL B 152 2.40 -11.44 0.07
CA VAL B 152 1.87 -12.12 -1.11
C VAL B 152 1.98 -11.34 -2.41
N GLY B 153 2.48 -10.10 -2.33
CA GLY B 153 2.63 -9.29 -3.52
C GLY B 153 3.13 -7.89 -3.19
N GLY B 154 3.12 -7.01 -4.19
CA GLY B 154 3.58 -5.65 -4.00
C GLY B 154 3.65 -4.88 -5.29
N ASN B 155 4.49 -3.85 -5.31
CA ASN B 155 4.67 -3.03 -6.50
C ASN B 155 6.09 -2.47 -6.52
N ILE B 156 6.55 -2.15 -7.73
CA ILE B 156 7.88 -1.58 -7.95
C ILE B 156 7.73 -0.32 -8.81
N SER B 157 8.34 0.78 -8.39
CA SER B 157 8.31 2.03 -9.13
C SER B 157 9.68 2.70 -9.06
N LYS B 158 10.04 3.40 -10.12
CA LYS B 158 11.32 4.10 -10.21
C LYS B 158 11.20 5.42 -9.44
N SER B 159 12.22 5.75 -8.64
CA SER B 159 12.20 7.01 -7.88
C SER B 159 13.61 7.52 -7.64
N GLU B 160 13.74 8.65 -6.95
CA GLU B 160 15.04 9.21 -6.66
C GLU B 160 15.60 8.61 -5.38
N LYS B 161 14.73 8.42 -4.39
CA LYS B 161 15.12 7.84 -3.12
C LYS B 161 14.30 6.59 -2.85
N ILE B 162 14.74 5.78 -1.89
CA ILE B 162 14.01 4.57 -1.55
C ILE B 162 12.77 4.93 -0.76
N GLY B 163 11.64 4.37 -1.20
CA GLY B 163 10.37 4.61 -0.53
C GLY B 163 9.75 3.24 -0.24
N ILE B 164 9.35 3.01 1.00
CA ILE B 164 8.76 1.72 1.37
C ILE B 164 7.37 1.87 1.95
N SER B 165 6.36 1.37 1.23
CA SER B 165 4.98 1.44 1.69
C SER B 165 4.43 0.05 1.92
N VAL B 166 4.17 -0.30 3.18
CA VAL B 166 3.66 -1.62 3.50
C VAL B 166 2.18 -1.61 3.85
N PHE B 167 1.47 -2.60 3.33
CA PHE B 167 0.05 -2.77 3.55
C PHE B 167 -0.14 -4.11 4.24
N LEU B 168 -0.86 -4.11 5.36
CA LEU B 168 -1.08 -5.35 6.09
C LEU B 168 -2.54 -5.67 6.35
N VAL B 169 -2.86 -6.94 6.29
CA VAL B 169 -4.22 -7.42 6.56
C VAL B 169 -4.12 -8.39 7.73
N GLY B 170 -4.83 -8.07 8.80
CA GLY B 170 -4.84 -8.92 9.98
C GLY B 170 -6.28 -9.35 10.25
N GLU B 171 -6.47 -10.22 11.24
CA GLU B 171 -7.83 -10.66 11.56
C GLU B 171 -7.96 -10.76 13.07
N THR B 172 -9.15 -10.45 13.56
CA THR B 172 -9.40 -10.50 14.99
C THR B 172 -10.87 -10.80 15.27
N GLU B 173 -11.11 -11.26 16.50
CA GLU B 173 -12.46 -11.60 16.93
C GLU B 173 -13.03 -10.38 17.63
N ARG B 174 -12.14 -9.54 18.16
CA ARG B 174 -12.56 -8.33 18.84
C ARG B 174 -11.63 -7.15 18.62
N PHE B 175 -12.08 -6.20 17.81
CA PHE B 175 -11.32 -5.00 17.50
C PHE B 175 -11.26 -4.05 18.69
N VAL B 176 -10.06 -3.56 18.99
CA VAL B 176 -9.89 -2.63 20.11
C VAL B 176 -9.25 -1.35 19.59
N GLY B 177 -9.98 -0.25 19.66
CA GLY B 177 -9.48 1.03 19.19
C GLY B 177 -8.93 1.92 20.28
N ARG B 178 -8.83 3.22 20.01
CA ARG B 178 -8.28 4.17 20.96
C ARG B 178 -9.32 4.96 21.75
N ASP B 179 -10.60 4.73 21.48
CA ASP B 179 -11.65 5.50 22.16
C ASP B 179 -12.41 4.77 23.27
N GLY B 180 -11.94 3.60 23.67
CA GLY B 180 -12.65 2.85 24.70
C GLY B 180 -12.20 2.96 26.14
N ALA B 181 -11.20 3.79 26.42
CA ALA B 181 -10.72 3.95 27.80
C ALA B 181 -11.84 4.31 28.75
N ARG B 182 -12.04 3.47 29.77
CA ARG B 182 -13.07 3.70 30.77
C ARG B 182 -12.46 4.25 32.05
N LEU B 183 -13.15 5.19 32.68
CA LEU B 183 -12.65 5.79 33.92
C LEU B 183 -12.37 4.71 34.94
N GLY B 184 -11.31 4.88 35.71
CA GLY B 184 -10.95 3.90 36.71
C GLY B 184 -9.97 2.87 36.17
N ASP B 185 -9.86 2.80 34.84
CA ASP B 185 -8.95 1.85 34.19
C ASP B 185 -7.50 2.16 34.54
N SER B 186 -6.67 1.13 34.56
CA SER B 186 -5.25 1.31 34.82
C SER B 186 -4.60 1.49 33.44
N VAL B 187 -3.51 2.24 33.38
CA VAL B 187 -2.81 2.47 32.11
C VAL B 187 -1.55 1.60 32.10
N PHE B 188 -1.42 0.72 31.11
CA PHE B 188 -0.27 -0.17 31.00
C PHE B 188 0.53 0.03 29.71
N VAL B 189 1.77 -0.47 29.72
CA VAL B 189 2.66 -0.44 28.55
C VAL B 189 3.40 -1.78 28.61
N SER B 190 3.99 -2.19 27.50
CA SER B 190 4.73 -3.43 27.46
C SER B 190 6.23 -3.13 27.43
N GLY B 191 7.05 -4.14 27.70
CA GLY B 191 8.50 -3.98 27.68
C GLY B 191 9.03 -2.77 28.44
N THR B 192 9.98 -2.07 27.83
CA THR B 192 10.57 -0.88 28.44
C THR B 192 10.49 0.26 27.42
N LEU B 193 10.70 1.50 27.87
CA LEU B 193 10.60 2.65 26.98
C LEU B 193 11.86 3.51 26.88
N GLY B 194 12.07 4.10 25.71
CA GLY B 194 13.21 4.96 25.49
C GLY B 194 14.41 4.29 24.84
N ASP B 195 14.39 2.96 24.78
CA ASP B 195 15.48 2.19 24.19
C ASP B 195 15.78 2.61 22.75
N SER B 196 14.73 2.64 21.93
CA SER B 196 14.88 2.99 20.51
C SER B 196 15.56 4.34 20.27
N ARG B 197 15.16 5.37 21.01
CA ARG B 197 15.79 6.68 20.83
C ARG B 197 17.27 6.59 21.19
N ALA B 198 17.58 5.83 22.24
CA ALA B 198 18.98 5.68 22.63
C ALA B 198 19.72 5.01 21.47
N GLY B 199 19.08 4.01 20.86
CA GLY B 199 19.68 3.31 19.74
C GLY B 199 19.93 4.21 18.54
N LEU B 200 18.97 5.09 18.25
CA LEU B 200 19.10 6.01 17.13
C LEU B 200 20.28 6.97 17.34
N GLU B 201 20.42 7.46 18.57
CA GLU B 201 21.50 8.39 18.88
C GLU B 201 22.87 7.72 18.76
N LEU B 202 22.96 6.45 19.17
CA LEU B 202 24.20 5.70 19.08
C LEU B 202 24.57 5.53 17.62
N LEU B 203 23.56 5.24 16.82
CA LEU B 203 23.71 5.05 15.38
C LEU B 203 24.28 6.34 14.79
N LEU B 204 23.72 7.47 15.20
CA LEU B 204 24.14 8.78 14.74
C LEU B 204 25.58 9.15 15.11
N MET B 205 26.18 8.42 16.04
CA MET B 205 27.55 8.69 16.45
C MET B 205 28.52 8.11 15.43
N GLU B 206 27.99 7.26 14.56
CA GLU B 206 28.76 6.62 13.51
C GLU B 206 30.10 6.11 14.01
N LYS B 207 30.06 5.33 15.08
CA LYS B 207 31.25 4.76 15.67
C LYS B 207 31.59 3.48 14.92
N GLU B 208 32.86 3.09 14.96
CA GLU B 208 33.30 1.89 14.26
C GLU B 208 32.93 0.65 15.06
N GLU B 209 32.91 0.81 16.39
CA GLU B 209 32.60 -0.30 17.29
C GLU B 209 31.76 0.19 18.47
N TYR B 210 30.78 -0.61 18.87
CA TYR B 210 29.94 -0.25 20.01
C TYR B 210 30.04 -1.31 21.09
N GLU B 211 29.78 -0.91 22.33
CA GLU B 211 29.82 -1.85 23.45
C GLU B 211 28.60 -2.75 23.28
N PRO B 212 28.65 -3.97 23.84
CA PRO B 212 27.51 -4.88 23.70
C PRO B 212 26.17 -4.27 24.10
N PHE B 213 26.13 -3.56 25.22
CA PHE B 213 24.87 -2.96 25.67
C PHE B 213 24.35 -1.90 24.69
N GLU B 214 25.27 -1.28 23.95
CA GLU B 214 24.89 -0.26 22.98
C GLU B 214 24.29 -0.94 21.75
N LEU B 215 24.83 -2.11 21.41
CA LEU B 215 24.31 -2.86 20.28
C LEU B 215 22.89 -3.29 20.58
N ALA B 216 22.59 -3.56 21.86
CA ALA B 216 21.24 -3.94 22.26
C ALA B 216 20.31 -2.79 21.93
N LEU B 217 20.69 -1.60 22.36
CA LEU B 217 19.91 -0.40 22.12
C LEU B 217 19.71 -0.17 20.63
N ILE B 218 20.79 -0.28 19.86
CA ILE B 218 20.72 -0.09 18.40
C ILE B 218 19.76 -1.12 17.82
N GLN B 219 19.86 -2.35 18.32
CA GLN B 219 19.02 -3.44 17.87
C GLN B 219 17.54 -3.10 18.05
N ARG B 220 17.21 -2.44 19.15
CA ARG B 220 15.82 -2.08 19.44
C ARG B 220 15.28 -0.95 18.55
N HIS B 221 16.17 -0.18 17.94
CA HIS B 221 15.74 0.89 17.05
C HIS B 221 15.65 0.35 15.61
N LEU B 222 16.68 -0.37 15.19
CA LEU B 222 16.76 -0.93 13.85
C LEU B 222 15.82 -2.11 13.60
N ARG B 223 15.68 -2.97 14.60
CA ARG B 223 14.82 -4.15 14.47
C ARG B 223 13.83 -4.32 15.62
N PRO B 224 12.84 -3.43 15.72
CA PRO B 224 11.87 -3.56 16.81
C PRO B 224 11.06 -4.84 16.63
N THR B 225 10.73 -5.48 17.74
CA THR B 225 9.96 -6.72 17.70
C THR B 225 8.54 -6.37 18.08
N ALA B 226 7.61 -6.54 17.16
CA ALA B 226 6.21 -6.24 17.42
C ALA B 226 5.75 -7.18 18.53
N ARG B 227 4.90 -6.68 19.42
CA ARG B 227 4.44 -7.47 20.56
C ARG B 227 3.37 -8.51 20.23
N ILE B 228 3.74 -9.43 19.37
CA ILE B 228 2.86 -10.48 18.92
C ILE B 228 2.38 -11.34 20.10
N ASP B 229 3.14 -11.33 21.19
CA ASP B 229 2.78 -12.10 22.38
C ASP B 229 1.63 -11.49 23.19
N TYR B 230 1.21 -10.27 22.83
CA TYR B 230 0.12 -9.60 23.53
C TYR B 230 -1.25 -9.70 22.85
N VAL B 231 -1.29 -10.25 21.65
CA VAL B 231 -2.55 -10.34 20.92
C VAL B 231 -3.77 -10.79 21.72
N LYS B 232 -3.70 -11.98 22.32
CA LYS B 232 -4.83 -12.48 23.10
C LYS B 232 -5.18 -11.53 24.23
N HIS B 233 -4.18 -11.11 24.99
CA HIS B 233 -4.45 -10.19 26.09
C HIS B 233 -5.20 -8.95 25.62
N ILE B 234 -4.68 -8.29 24.60
CA ILE B 234 -5.32 -7.09 24.07
C ILE B 234 -6.74 -7.40 23.59
N GLN B 235 -6.86 -8.41 22.75
CA GLN B 235 -8.14 -8.83 22.20
C GLN B 235 -9.20 -9.12 23.25
N LYS B 236 -8.81 -9.78 24.35
CA LYS B 236 -9.75 -10.13 25.40
C LYS B 236 -10.05 -9.07 26.47
N TYR B 237 -9.03 -8.41 27.00
CA TYR B 237 -9.25 -7.46 28.08
C TYR B 237 -8.99 -5.98 27.92
N ALA B 238 -8.45 -5.55 26.80
CA ALA B 238 -8.20 -4.12 26.63
C ALA B 238 -9.49 -3.40 26.20
N ASN B 239 -9.75 -2.24 26.81
CA ASN B 239 -10.92 -1.46 26.42
C ASN B 239 -10.44 -0.47 25.37
N ALA B 240 -9.17 -0.09 25.49
CA ALA B 240 -8.52 0.85 24.57
C ALA B 240 -7.07 0.40 24.40
N SER B 241 -6.53 0.53 23.19
CA SER B 241 -5.16 0.12 22.92
C SER B 241 -4.57 0.73 21.64
N MET B 242 -3.24 0.81 21.61
CA MET B 242 -2.50 1.35 20.48
C MET B 242 -1.03 1.09 20.77
N ASP B 243 -0.17 1.17 19.76
CA ASP B 243 1.25 0.95 20.00
C ASP B 243 1.95 2.30 20.14
N ILE B 244 3.05 2.29 20.88
CA ILE B 244 3.82 3.50 21.11
C ILE B 244 4.88 3.63 20.02
N SER B 245 4.65 4.57 19.12
CA SER B 245 5.54 4.82 18.00
C SER B 245 6.11 6.25 18.05
N ASP B 246 5.25 7.22 18.33
CA ASP B 246 5.64 8.62 18.42
C ASP B 246 6.31 8.94 19.76
N GLY B 247 5.93 8.20 20.80
CA GLY B 247 6.48 8.44 22.12
C GLY B 247 5.36 8.30 23.12
N LEU B 248 5.69 8.06 24.40
CA LEU B 248 4.65 7.88 25.40
C LEU B 248 3.66 9.04 25.52
N VAL B 249 4.12 10.21 25.93
CA VAL B 249 3.23 11.36 26.08
C VAL B 249 2.48 11.68 24.79
N ALA B 250 3.20 11.68 23.68
CA ALA B 250 2.59 11.98 22.38
C ALA B 250 1.45 11.03 22.05
N ASP B 251 1.68 9.73 22.19
CA ASP B 251 0.63 8.78 21.88
C ASP B 251 -0.44 8.69 22.97
N ALA B 252 -0.07 8.95 24.22
CA ALA B 252 -1.04 8.90 25.30
C ALA B 252 -2.06 10.02 25.06
N ASN B 253 -1.61 11.11 24.45
CA ASN B 253 -2.49 12.22 24.16
C ASN B 253 -3.58 11.81 23.19
N HIS B 254 -3.22 11.02 22.18
CA HIS B 254 -4.19 10.55 21.21
C HIS B 254 -5.22 9.67 21.92
N LEU B 255 -4.71 8.78 22.77
CA LEU B 255 -5.55 7.87 23.51
C LEU B 255 -6.56 8.66 24.37
N ALA B 256 -6.07 9.72 25.01
CA ALA B 256 -6.88 10.55 25.88
C ALA B 256 -8.00 11.33 25.16
N GLN B 257 -7.66 12.00 24.06
CA GLN B 257 -8.67 12.77 23.35
C GLN B 257 -9.64 11.86 22.59
N ARG B 258 -9.15 10.73 22.12
CA ARG B 258 -10.00 9.80 21.40
C ARG B 258 -11.01 9.17 22.33
N SER B 259 -10.65 9.07 23.61
CA SER B 259 -11.53 8.50 24.62
C SER B 259 -12.29 9.58 25.39
N GLY B 260 -11.89 10.83 25.22
CA GLY B 260 -12.55 11.91 25.93
C GLY B 260 -12.31 11.72 27.41
N VAL B 261 -11.08 11.37 27.74
CA VAL B 261 -10.67 11.12 29.12
C VAL B 261 -9.32 11.79 29.37
N LYS B 262 -8.88 11.79 30.62
CA LYS B 262 -7.59 12.37 30.95
C LYS B 262 -6.72 11.26 31.53
N ILE B 263 -5.46 11.23 31.13
CA ILE B 263 -4.55 10.19 31.60
C ILE B 263 -3.44 10.71 32.52
N GLU B 264 -3.41 10.17 33.73
CA GLU B 264 -2.41 10.56 34.72
C GLU B 264 -1.33 9.48 34.84
N ILE B 265 -0.10 9.87 34.52
CA ILE B 265 1.03 8.96 34.56
C ILE B 265 2.06 9.34 35.61
N LEU B 266 2.67 8.33 36.23
CA LEU B 266 3.69 8.54 37.24
C LEU B 266 5.03 8.14 36.62
N SER B 267 5.92 9.11 36.44
CA SER B 267 7.22 8.88 35.84
C SER B 267 8.00 7.73 36.51
N GLU B 268 8.02 7.72 37.83
CA GLU B 268 8.75 6.70 38.57
C GLU B 268 8.31 5.27 38.27
N LYS B 269 7.18 5.12 37.58
CA LYS B 269 6.68 3.79 37.25
C LYS B 269 7.05 3.34 35.83
N LEU B 270 7.57 4.25 35.02
CA LEU B 270 7.97 3.94 33.65
C LEU B 270 9.01 2.82 33.63
N PRO B 271 8.77 1.78 32.81
CA PRO B 271 9.72 0.66 32.72
C PRO B 271 11.02 1.10 32.02
N LEU B 272 12.14 0.97 32.71
CA LEU B 272 13.45 1.34 32.17
C LEU B 272 14.31 0.08 32.08
N SER B 273 15.07 -0.05 30.99
CA SER B 273 15.93 -1.22 30.82
C SER B 273 17.34 -0.95 31.34
N ASN B 274 18.05 -2.01 31.69
CA ASN B 274 19.40 -1.85 32.20
C ASN B 274 20.33 -1.21 31.18
N GLU B 275 20.16 -1.56 29.90
CA GLU B 275 21.02 -0.96 28.89
C GLU B 275 20.68 0.51 28.67
N LEU B 276 19.42 0.89 28.83
CA LEU B 276 19.07 2.30 28.66
C LEU B 276 19.69 3.11 29.79
N LYS B 277 19.58 2.60 31.01
CA LYS B 277 20.15 3.28 32.17
C LYS B 277 21.67 3.34 32.05
N MET B 278 22.25 2.26 31.51
CA MET B 278 23.69 2.19 31.32
C MET B 278 24.09 3.29 30.33
N TYR B 279 23.29 3.46 29.30
CA TYR B 279 23.53 4.49 28.28
C TYR B 279 23.50 5.90 28.87
N CYS B 280 22.42 6.23 29.57
CA CYS B 280 22.27 7.55 30.19
C CYS B 280 23.40 7.82 31.18
N GLU B 281 23.81 6.80 31.91
CA GLU B 281 24.90 6.92 32.87
C GLU B 281 26.16 7.34 32.12
N LYS B 282 26.47 6.59 31.07
CA LYS B 282 27.66 6.85 30.24
C LYS B 282 27.67 8.19 29.51
N TYR B 283 26.54 8.58 28.95
CA TYR B 283 26.47 9.84 28.22
C TYR B 283 25.83 11.01 28.97
N GLY B 284 25.59 10.81 30.26
CA GLY B 284 24.99 11.87 31.07
C GLY B 284 23.60 12.30 30.65
N LYS B 285 22.71 11.33 30.42
CA LYS B 285 21.34 11.64 30.03
C LYS B 285 20.34 11.25 31.12
N ASN B 286 19.10 11.69 30.95
CA ASN B 286 18.02 11.41 31.91
C ASN B 286 17.14 10.30 31.34
N PRO B 287 17.22 9.09 31.89
CA PRO B 287 16.39 7.99 31.37
C PRO B 287 14.89 8.29 31.36
N ILE B 288 14.44 9.16 32.27
CA ILE B 288 13.02 9.51 32.33
C ILE B 288 12.56 10.24 31.07
N GLU B 289 13.38 11.13 30.53
CA GLU B 289 12.99 11.85 29.33
C GLU B 289 12.85 10.87 28.17
N TYR B 290 13.82 9.97 28.06
CA TYR B 290 13.78 8.97 27.00
C TYR B 290 12.52 8.14 27.07
N ALA B 291 12.16 7.69 28.28
CA ALA B 291 10.97 6.88 28.48
C ALA B 291 9.69 7.65 28.16
N LEU B 292 9.71 8.97 28.40
CA LEU B 292 8.55 9.80 28.16
C LEU B 292 8.40 10.28 26.72
N PHE B 293 9.51 10.70 26.11
CA PHE B 293 9.45 11.24 24.77
C PHE B 293 10.15 10.43 23.66
N GLY B 294 10.91 9.41 24.03
CA GLY B 294 11.60 8.61 23.04
C GLY B 294 10.63 7.93 22.09
N GLY B 295 10.91 8.01 20.79
CA GLY B 295 10.01 7.39 19.83
C GLY B 295 10.50 6.05 19.30
N GLU B 296 9.64 5.43 18.50
CA GLU B 296 9.89 4.16 17.84
C GLU B 296 10.27 2.91 18.65
N ASP B 297 9.69 2.76 19.84
CA ASP B 297 9.96 1.56 20.62
C ASP B 297 9.01 0.47 20.16
N TYR B 298 7.86 0.90 19.67
CA TYR B 298 6.82 -0.01 19.23
C TYR B 298 6.38 -1.00 20.32
N GLN B 299 6.28 -0.47 21.53
CA GLN B 299 5.79 -1.24 22.66
C GLN B 299 4.30 -0.90 22.63
N LEU B 300 3.53 -1.43 23.56
CA LEU B 300 2.09 -1.18 23.58
C LEU B 300 1.61 -0.27 24.69
N LEU B 301 0.51 0.42 24.44
CA LEU B 301 -0.11 1.31 25.42
C LEU B 301 -1.59 0.97 25.44
N PHE B 302 -2.05 0.44 26.56
CA PHE B 302 -3.44 0.03 26.68
C PHE B 302 -3.99 0.23 28.09
N THR B 303 -5.31 0.26 28.21
CA THR B 303 -5.94 0.46 29.50
C THR B 303 -7.06 -0.56 29.75
N HIS B 304 -7.31 -0.81 31.02
CA HIS B 304 -8.36 -1.72 31.47
C HIS B 304 -8.28 -1.83 32.99
N PRO B 305 -9.30 -2.44 33.62
CA PRO B 305 -9.26 -2.57 35.08
C PRO B 305 -8.01 -3.32 35.56
N LYS B 306 -7.45 -2.85 36.67
CA LYS B 306 -6.25 -3.45 37.26
C LYS B 306 -6.39 -4.96 37.43
N GLU B 307 -7.61 -5.43 37.63
CA GLU B 307 -7.84 -6.86 37.85
C GLU B 307 -7.61 -7.74 36.63
N ARG B 308 -7.55 -7.14 35.44
CA ARG B 308 -7.33 -7.91 34.23
C ARG B 308 -5.84 -8.09 33.95
N TRP B 309 -5.02 -7.59 34.88
CA TRP B 309 -3.57 -7.69 34.78
C TRP B 309 -3.11 -9.13 34.64
N ASN B 310 -2.19 -9.38 33.71
CA ASN B 310 -1.67 -10.74 33.54
C ASN B 310 -0.18 -10.74 33.88
N PRO B 311 0.17 -11.27 35.07
CA PRO B 311 1.53 -11.36 35.58
C PRO B 311 2.51 -12.13 34.68
N PHE B 312 1.99 -12.92 33.76
CA PHE B 312 2.84 -13.70 32.88
C PHE B 312 3.21 -13.00 31.58
N LEU B 313 2.96 -11.69 31.53
CA LEU B 313 3.30 -10.85 30.40
C LEU B 313 4.07 -9.74 31.09
N ASP B 314 4.96 -9.06 30.39
CA ASP B 314 5.79 -8.03 31.00
C ASP B 314 5.16 -6.65 31.11
N MET B 315 3.83 -6.59 31.24
CA MET B 315 3.17 -5.29 31.32
C MET B 315 3.45 -4.56 32.63
N THR B 316 3.53 -3.24 32.54
CA THR B 316 3.78 -2.39 33.70
C THR B 316 2.68 -1.35 33.79
N GLU B 317 2.11 -1.18 34.99
CA GLU B 317 1.07 -0.18 35.20
C GLU B 317 1.81 1.13 35.41
N ILE B 318 1.45 2.16 34.64
CA ILE B 318 2.13 3.45 34.74
C ILE B 318 1.21 4.62 35.07
N GLY B 319 -0.09 4.38 35.10
CA GLY B 319 -1.00 5.47 35.39
C GLY B 319 -2.44 5.05 35.47
N ARG B 320 -3.32 6.04 35.45
CA ARG B 320 -4.76 5.78 35.54
C ARG B 320 -5.58 6.63 34.57
N VAL B 321 -6.79 6.14 34.31
CA VAL B 321 -7.75 6.81 33.44
C VAL B 321 -8.79 7.48 34.33
N GLU B 322 -8.84 8.81 34.29
CA GLU B 322 -9.79 9.55 35.11
C GLU B 322 -10.59 10.56 34.29
N GLU B 323 -11.61 11.16 34.90
CA GLU B 323 -12.44 12.13 34.19
C GLU B 323 -11.71 13.43 33.92
N GLY B 324 -11.98 14.02 32.76
CA GLY B 324 -11.34 15.25 32.36
C GLY B 324 -10.75 15.05 30.98
N GLU B 325 -9.68 15.76 30.66
CA GLU B 325 -9.05 15.61 29.35
C GLU B 325 -7.57 15.96 29.36
N GLY B 326 -6.82 15.34 28.46
CA GLY B 326 -5.39 15.59 28.38
C GLY B 326 -4.59 14.54 29.10
N VAL B 327 -3.27 14.66 29.02
CA VAL B 327 -2.36 13.73 29.66
C VAL B 327 -1.51 14.45 30.69
N PHE B 328 -1.39 13.87 31.88
CA PHE B 328 -0.60 14.46 32.94
C PHE B 328 0.50 13.52 33.40
N VAL B 329 1.63 14.11 33.80
CA VAL B 329 2.77 13.34 34.28
C VAL B 329 3.21 13.93 35.63
N ASP B 330 2.98 13.16 36.69
CA ASP B 330 3.35 13.61 38.04
C ASP B 330 2.67 14.93 38.39
N GLY B 331 1.42 15.09 37.95
CA GLY B 331 0.69 16.30 38.26
C GLY B 331 0.64 17.35 37.15
N LYS B 332 1.74 17.52 36.42
CA LYS B 332 1.80 18.50 35.35
C LYS B 332 1.28 17.94 34.02
N LYS B 333 0.83 18.84 33.14
CA LYS B 333 0.33 18.47 31.83
C LYS B 333 1.36 17.73 30.98
#